data_3F0H
#
_entry.id   3F0H
#
_cell.length_a   62.450
_cell.length_b   62.450
_cell.length_c   373.590
_cell.angle_alpha   90.000
_cell.angle_beta   90.000
_cell.angle_gamma   120.000
#
_symmetry.space_group_name_H-M   'P 61 2 2'
#
loop_
_entity.id
_entity.type
_entity.pdbx_description
1 polymer Aminotransferase
2 non-polymer 'UNKNOWN LIGAND'
3 non-polymer GLYCEROL
4 water water
#
_entity_poly.entity_id   1
_entity_poly.type   'polypeptide(L)'
_entity_poly.pdbx_seq_one_letter_code
;(MSE)GSDKIHHHHHHENLYFQG(MSE)LNFTVGPV(MSE)SSEEVRAIGAEQVPYFRTTEFSST(MSE)LENEKF
(MSE)LEYAKAPEGSKAVF(MSE)TCSSTGS(MSE)EAVV(MSE)NCFTKKDKVLVIDGGSFGHRFVQLCEIHEIPYVAL
KLEHGKKLTKEKLYEYDNQNFTGLLVNVDETSTAVLYDT(MSE)(MSE)IGEFCKKNN(MSE)FFVCDCVSAFLADPFN
(MSE)NECGADV(MSE)ITGSQ(LLP)VLACPPGISVIVLAPRGVERVEKSKVRT(MSE)YFDLKDALKNQERGQTPFTP
AVGILLQINERLKEIKKHGGADAEVARIASQAADFRAKIKDLPFELVSESPANGVTSVHPTTANAYDIFLKLKDEYGIWI
CPNGGE(MSE)KDTIFRVGHIGALTHEDNTTLVNAFKDLQKRNLL
;
_entity_poly.pdbx_strand_id   A
#
# COMPACT_ATOMS: atom_id res chain seq x y z
N LEU A 15 20.26 -16.39 13.67
CA LEU A 15 20.55 -15.15 12.86
C LEU A 15 19.45 -14.10 13.07
N TYR A 16 19.75 -12.84 12.79
CA TYR A 16 18.82 -11.73 13.13
C TYR A 16 17.49 -11.77 12.39
N PHE A 17 17.49 -12.39 11.22
CA PHE A 17 16.29 -12.51 10.39
C PHE A 17 15.58 -13.85 10.61
N GLN A 18 16.05 -14.63 11.58
CA GLN A 18 15.43 -15.91 11.91
C GLN A 18 14.75 -15.81 13.26
N GLY A 19 13.55 -16.40 13.34
CA GLY A 19 12.80 -16.54 14.58
C GLY A 19 12.04 -15.29 15.04
N LEU A 21 9.01 -12.32 15.07
CA LEU A 21 7.62 -12.02 14.70
C LEU A 21 7.57 -10.61 14.12
N ASN A 22 6.93 -10.46 12.96
CA ASN A 22 6.98 -9.24 12.17
C ASN A 22 5.60 -8.59 12.10
N PHE A 23 5.42 -7.51 12.87
CA PHE A 23 4.20 -6.71 12.87
C PHE A 23 4.45 -5.39 12.17
N THR A 24 5.34 -5.34 11.18
CA THR A 24 5.58 -4.09 10.45
C THR A 24 4.61 -4.03 9.29
N VAL A 25 4.75 -3.04 8.41
CA VAL A 25 3.90 -3.02 7.21
CA VAL A 25 3.91 -2.96 7.22
C VAL A 25 4.75 -3.25 5.97
N GLY A 26 5.89 -3.92 6.12
CA GLY A 26 6.66 -4.33 4.96
C GLY A 26 8.14 -4.22 5.18
N PRO A 27 8.89 -5.28 4.84
CA PRO A 27 8.49 -6.64 4.51
C PRO A 27 7.63 -7.24 5.63
N VAL A 28 6.80 -8.23 5.31
CA VAL A 28 5.99 -8.87 6.32
C VAL A 28 6.19 -10.39 6.19
N SER A 30 5.61 -14.18 5.19
CA SER A 30 5.09 -14.85 3.99
CA SER A 30 5.06 -14.84 4.01
CA SER A 30 5.04 -14.83 4.02
C SER A 30 4.70 -16.29 4.31
N SER A 31 3.82 -16.85 3.49
CA SER A 31 3.42 -18.26 3.62
C SER A 31 4.59 -19.19 3.29
N GLU A 32 4.47 -20.44 3.73
CA GLU A 32 5.49 -21.43 3.41
C GLU A 32 5.59 -21.68 1.89
N GLU A 33 4.47 -21.62 1.17
CA GLU A 33 4.50 -21.85 -0.29
C GLU A 33 5.21 -20.73 -1.03
N VAL A 34 4.96 -19.47 -0.64
CA VAL A 34 5.71 -18.37 -1.26
C VAL A 34 7.18 -18.44 -0.96
N ARG A 35 7.51 -18.79 0.27
CA ARG A 35 8.90 -18.93 0.68
CA ARG A 35 8.91 -18.91 0.64
C ARG A 35 9.59 -20.06 -0.11
N ALA A 36 8.88 -21.16 -0.29
CA ALA A 36 9.45 -22.31 -1.03
C ALA A 36 9.86 -21.88 -2.45
N ILE A 37 9.00 -21.10 -3.10
CA ILE A 37 9.30 -20.58 -4.46
C ILE A 37 10.58 -19.74 -4.46
N GLY A 38 10.80 -19.01 -3.36
CA GLY A 38 12.00 -18.21 -3.17
C GLY A 38 13.31 -18.98 -3.12
N ALA A 39 13.24 -20.30 -2.90
CA ALA A 39 14.41 -21.17 -2.89
C ALA A 39 14.65 -21.88 -4.24
N GLU A 40 13.74 -21.73 -5.18
CA GLU A 40 13.89 -22.30 -6.53
CA GLU A 40 13.94 -22.33 -6.50
C GLU A 40 14.91 -21.50 -7.33
N GLN A 41 15.54 -22.16 -8.30
CA GLN A 41 16.35 -21.45 -9.26
C GLN A 41 15.44 -20.46 -10.02
N VAL A 42 15.93 -19.27 -10.27
CA VAL A 42 15.15 -18.29 -11.01
C VAL A 42 15.25 -18.59 -12.52
N PRO A 43 14.11 -18.74 -13.21
CA PRO A 43 14.17 -19.17 -14.60
C PRO A 43 14.54 -18.05 -15.55
N TYR A 44 15.07 -18.41 -16.71
CA TYR A 44 15.16 -17.48 -17.83
C TYR A 44 13.74 -17.09 -18.22
N PHE A 45 13.57 -15.84 -18.65
CA PHE A 45 12.24 -15.21 -18.62
C PHE A 45 11.76 -14.70 -19.99
N ARG A 46 12.61 -14.73 -21.03
CA ARG A 46 12.17 -14.28 -22.36
C ARG A 46 11.61 -15.49 -23.06
N THR A 47 10.49 -15.98 -22.55
CA THR A 47 9.93 -17.25 -22.94
C THR A 47 8.42 -17.15 -22.90
N THR A 48 7.75 -18.00 -23.68
CA THR A 48 6.29 -18.07 -23.64
C THR A 48 5.78 -18.55 -22.28
N GLU A 49 6.58 -19.34 -21.60
CA GLU A 49 6.21 -19.85 -20.27
C GLU A 49 6.14 -18.70 -19.23
N PHE A 50 7.15 -17.84 -19.23
CA PHE A 50 7.11 -16.72 -18.29
C PHE A 50 6.05 -15.70 -18.72
N SER A 51 5.90 -15.47 -20.02
CA SER A 51 4.83 -14.62 -20.51
C SER A 51 3.47 -15.06 -19.95
N SER A 52 3.21 -16.35 -19.94
CA SER A 52 1.95 -16.88 -19.41
CA SER A 52 1.95 -16.88 -19.41
C SER A 52 1.75 -16.50 -17.94
N THR A 53 2.79 -16.67 -17.14
CA THR A 53 2.78 -16.27 -15.74
C THR A 53 2.45 -14.79 -15.60
N LEU A 55 0.87 -12.74 -17.79
CA LEU A 55 -0.51 -12.46 -18.20
C LEU A 55 -1.50 -12.89 -17.11
N GLU A 56 -1.21 -14.02 -16.47
CA GLU A 56 -2.01 -14.48 -15.34
C GLU A 56 -1.92 -13.51 -14.15
N ASN A 57 -0.71 -13.03 -13.86
CA ASN A 57 -0.54 -12.05 -12.79
C ASN A 57 -1.39 -10.82 -13.05
N GLU A 58 -1.36 -10.32 -14.28
CA GLU A 58 -2.17 -9.15 -14.65
C GLU A 58 -3.67 -9.44 -14.47
N LYS A 59 -4.13 -10.59 -14.93
CA LYS A 59 -5.55 -10.92 -14.80
CA LYS A 59 -5.55 -10.96 -14.80
C LYS A 59 -6.01 -10.93 -13.35
N PHE A 60 -5.20 -11.54 -12.47
CA PHE A 60 -5.54 -11.57 -11.04
C PHE A 60 -5.56 -10.17 -10.45
N LEU A 62 -6.18 -7.34 -11.91
CA LEU A 62 -7.36 -6.61 -12.39
C LEU A 62 -8.60 -7.11 -11.66
N GLU A 63 -8.68 -8.42 -11.45
CA GLU A 63 -9.79 -9.02 -10.73
C GLU A 63 -9.87 -8.51 -9.29
N TYR A 64 -8.72 -8.49 -8.61
CA TYR A 64 -8.71 -8.14 -7.18
C TYR A 64 -8.89 -6.64 -6.93
N ALA A 65 -8.45 -5.85 -7.90
CA ALA A 65 -8.68 -4.41 -7.89
C ALA A 65 -10.10 -4.02 -8.29
N LYS A 66 -10.86 -4.98 -8.84
CA LYS A 66 -12.17 -4.72 -9.43
C LYS A 66 -12.08 -3.62 -10.46
N ALA A 67 -11.08 -3.76 -11.31
CA ALA A 67 -10.83 -2.80 -12.38
C ALA A 67 -11.94 -2.86 -13.44
N PRO A 68 -12.25 -1.73 -14.04
CA PRO A 68 -13.27 -1.76 -15.13
C PRO A 68 -12.76 -2.53 -16.32
N GLU A 69 -13.70 -2.99 -17.15
CA GLU A 69 -13.36 -3.64 -18.40
CA GLU A 69 -13.37 -3.63 -18.40
C GLU A 69 -12.43 -2.75 -19.21
N GLY A 70 -11.43 -3.36 -19.83
CA GLY A 70 -10.46 -2.62 -20.66
C GLY A 70 -9.23 -2.14 -19.88
N SER A 71 -9.17 -2.41 -18.59
CA SER A 71 -8.00 -1.99 -17.77
C SER A 71 -6.75 -2.83 -18.09
N LYS A 72 -5.60 -2.32 -17.67
CA LYS A 72 -4.31 -2.95 -17.92
C LYS A 72 -3.49 -2.84 -16.66
N ALA A 73 -2.62 -3.81 -16.41
CA ALA A 73 -1.64 -3.67 -15.33
C ALA A 73 -0.25 -3.82 -15.87
N VAL A 74 0.69 -3.16 -15.21
CA VAL A 74 2.11 -3.38 -15.46
C VAL A 74 2.86 -3.64 -14.15
N PHE A 75 3.90 -4.46 -14.24
CA PHE A 75 4.73 -4.83 -13.13
C PHE A 75 6.09 -4.17 -13.26
N THR A 77 9.87 -3.18 -11.72
CA THR A 77 10.97 -3.69 -10.93
C THR A 77 11.63 -2.50 -10.19
N CYS A 78 10.99 -2.17 -9.09
CA CYS A 78 11.37 -1.06 -8.20
C CYS A 78 10.39 -1.10 -7.01
N SER A 79 10.71 -0.39 -5.95
CA SER A 79 9.80 -0.30 -4.81
C SER A 79 8.59 0.59 -5.21
N SER A 80 7.56 0.63 -4.36
CA SER A 80 6.36 1.41 -4.66
C SER A 80 6.61 2.87 -4.99
N THR A 81 7.61 3.47 -4.33
CA THR A 81 7.96 4.86 -4.58
C THR A 81 8.27 5.08 -6.03
N GLY A 82 8.96 4.10 -6.64
CA GLY A 82 9.29 4.20 -8.08
C GLY A 82 8.04 4.23 -8.94
N SER A 83 7.04 3.44 -8.58
CA SER A 83 5.77 3.47 -9.33
C SER A 83 4.99 4.75 -9.06
N GLU A 85 6.39 7.64 -8.64
CA GLU A 85 7.08 8.59 -9.48
C GLU A 85 6.70 8.39 -10.95
N ALA A 86 6.69 7.14 -11.41
CA ALA A 86 6.30 6.83 -12.78
C ALA A 86 4.92 7.37 -13.11
N VAL A 87 3.98 7.16 -12.20
CA VAL A 87 2.61 7.60 -12.40
C VAL A 87 2.57 9.13 -12.51
N VAL A 88 3.24 9.81 -11.58
CA VAL A 88 3.24 11.28 -11.62
C VAL A 88 3.82 11.76 -12.95
N ASN A 90 4.13 10.25 -15.88
CA ASN A 90 3.47 9.81 -17.09
C ASN A 90 2.01 10.32 -17.21
N CYS A 91 1.42 10.76 -16.09
CA CYS A 91 0.01 11.15 -16.07
C CYS A 91 -0.24 12.63 -15.96
N PHE A 92 0.73 13.40 -15.51
CA PHE A 92 0.52 14.83 -15.33
C PHE A 92 1.54 15.66 -16.10
N THR A 93 1.18 16.89 -16.39
CA THR A 93 2.09 17.83 -17.03
C THR A 93 2.05 19.19 -16.31
N LYS A 94 2.88 20.12 -16.79
CA LYS A 94 2.88 21.50 -16.27
C LYS A 94 1.55 22.22 -16.43
N LYS A 95 0.65 21.70 -17.27
CA LYS A 95 -0.67 22.31 -17.47
C LYS A 95 -1.70 21.77 -16.50
N ASP A 96 -1.36 20.75 -15.71
CA ASP A 96 -2.33 20.19 -14.77
C ASP A 96 -2.39 21.05 -13.49
N LYS A 97 -3.40 20.80 -12.67
CA LYS A 97 -3.51 21.35 -11.32
C LYS A 97 -4.00 20.23 -10.42
N VAL A 98 -3.12 19.73 -9.57
CA VAL A 98 -3.38 18.52 -8.81
C VAL A 98 -3.64 18.79 -7.34
N LEU A 99 -4.72 18.21 -6.82
CA LEU A 99 -5.02 18.26 -5.41
C LEU A 99 -4.39 17.01 -4.76
N VAL A 100 -3.52 17.25 -3.77
CA VAL A 100 -2.84 16.16 -3.06
C VAL A 100 -3.29 16.11 -1.62
N ILE A 101 -3.87 14.98 -1.23
CA ILE A 101 -4.28 14.76 0.16
CA ILE A 101 -4.28 14.80 0.16
C ILE A 101 -3.02 14.48 0.97
N ASP A 102 -2.69 15.33 1.95
CA ASP A 102 -1.45 15.18 2.70
C ASP A 102 -1.70 15.12 4.20
N GLY A 103 -1.88 13.91 4.71
CA GLY A 103 -2.06 13.66 6.11
C GLY A 103 -0.87 13.02 6.76
N GLY A 104 0.23 12.89 6.02
CA GLY A 104 1.38 12.16 6.54
C GLY A 104 2.44 11.92 5.50
N SER A 105 3.33 10.97 5.80
CA SER A 105 4.55 10.79 5.02
C SER A 105 4.30 10.50 3.55
N PHE A 106 3.30 9.68 3.24
CA PHE A 106 3.13 9.23 1.85
C PHE A 106 2.38 10.23 1.00
N GLY A 107 1.44 10.94 1.63
CA GLY A 107 0.83 12.08 0.94
C GLY A 107 1.89 13.13 0.68
N HIS A 108 2.76 13.37 1.65
CA HIS A 108 3.83 14.31 1.47
C HIS A 108 4.78 13.90 0.36
N ARG A 109 4.99 12.58 0.22
CA ARG A 109 5.86 12.09 -0.84
C ARG A 109 5.28 12.43 -2.22
N PHE A 110 3.96 12.37 -2.37
CA PHE A 110 3.30 12.80 -3.60
C PHE A 110 3.49 14.30 -3.82
N VAL A 111 3.37 15.11 -2.76
CA VAL A 111 3.69 16.54 -2.88
C VAL A 111 5.11 16.75 -3.42
N GLN A 112 6.06 16.03 -2.84
CA GLN A 112 7.47 16.12 -3.24
C GLN A 112 7.64 15.74 -4.71
N LEU A 113 6.93 14.71 -5.15
CA LEU A 113 6.97 14.32 -6.57
C LEU A 113 6.39 15.39 -7.50
N CYS A 114 5.31 16.05 -7.08
CA CYS A 114 4.77 17.16 -7.86
C CYS A 114 5.76 18.30 -7.96
N GLU A 115 6.45 18.61 -6.87
CA GLU A 115 7.49 19.64 -6.86
CA GLU A 115 7.49 19.63 -6.84
C GLU A 115 8.65 19.29 -7.77
N ILE A 116 9.17 18.08 -7.63
CA ILE A 116 10.31 17.65 -8.45
C ILE A 116 9.96 17.73 -9.93
N HIS A 117 8.77 17.29 -10.30
CA HIS A 117 8.39 17.17 -11.70
C HIS A 117 7.57 18.36 -12.20
N GLU A 118 7.52 19.43 -11.40
CA GLU A 118 6.94 20.73 -11.81
C GLU A 118 5.48 20.63 -12.23
N ILE A 119 4.74 19.80 -11.51
CA ILE A 119 3.30 19.66 -11.64
C ILE A 119 2.66 20.63 -10.65
N PRO A 120 1.89 21.62 -11.16
CA PRO A 120 1.23 22.51 -10.20
C PRO A 120 0.28 21.73 -9.30
N TYR A 121 0.27 22.07 -8.02
CA TYR A 121 -0.48 21.33 -7.02
C TYR A 121 -0.94 22.23 -5.88
N VAL A 122 -1.92 21.72 -5.13
CA VAL A 122 -2.35 22.27 -3.86
C VAL A 122 -2.35 21.12 -2.88
N ALA A 123 -1.72 21.30 -1.74
CA ALA A 123 -1.70 20.30 -0.68
C ALA A 123 -2.87 20.56 0.27
N LEU A 124 -3.71 19.55 0.43
CA LEU A 124 -4.79 19.53 1.42
C LEU A 124 -4.22 18.84 2.66
N LYS A 125 -3.73 19.66 3.60
CA LYS A 125 -3.10 19.18 4.81
C LYS A 125 -4.15 18.72 5.80
N LEU A 126 -3.87 17.57 6.43
CA LEU A 126 -4.64 17.10 7.54
C LEU A 126 -3.68 16.82 8.68
N GLU A 127 -4.03 17.29 9.88
CA GLU A 127 -3.24 16.97 11.07
C GLU A 127 -3.10 15.45 11.18
N HIS A 128 -1.94 14.99 11.60
CA HIS A 128 -1.70 13.54 11.66
C HIS A 128 -2.80 12.82 12.43
N GLY A 129 -3.36 11.78 11.81
CA GLY A 129 -4.41 11.01 12.40
C GLY A 129 -5.83 11.45 12.07
N LYS A 130 -5.99 12.62 11.45
CA LYS A 130 -7.34 13.18 11.23
C LYS A 130 -8.01 12.67 9.97
N LYS A 131 -9.31 12.42 10.07
CA LYS A 131 -10.08 11.99 8.94
C LYS A 131 -10.30 13.13 7.93
N LEU A 132 -10.53 12.75 6.68
CA LEU A 132 -10.96 13.66 5.63
C LEU A 132 -12.48 13.62 5.55
N THR A 133 -13.14 14.72 5.87
CA THR A 133 -14.60 14.77 5.75
C THR A 133 -14.99 15.23 4.37
N LYS A 134 -16.24 14.95 4.00
CA LYS A 134 -16.80 15.40 2.75
C LYS A 134 -16.83 16.92 2.67
N GLU A 135 -17.21 17.57 3.77
CA GLU A 135 -17.25 19.03 3.82
CA GLU A 135 -17.23 19.03 3.89
C GLU A 135 -15.87 19.63 3.55
N LYS A 136 -14.82 19.05 4.14
CA LYS A 136 -13.46 19.49 3.88
C LYS A 136 -13.06 19.35 2.39
N LEU A 137 -13.30 18.18 1.81
CA LEU A 137 -12.93 17.97 0.42
C LEU A 137 -13.66 18.95 -0.50
N TYR A 138 -14.95 19.18 -0.25
CA TYR A 138 -15.74 20.02 -1.13
C TYR A 138 -15.42 21.50 -1.01
N GLU A 139 -14.53 21.86 -0.07
CA GLU A 139 -13.93 23.21 -0.08
C GLU A 139 -13.13 23.46 -1.36
N TYR A 140 -12.74 22.38 -2.05
CA TYR A 140 -11.93 22.45 -3.25
C TYR A 140 -12.75 22.21 -4.53
N ASP A 141 -14.07 22.15 -4.38
CA ASP A 141 -15.00 21.95 -5.49
C ASP A 141 -14.98 23.16 -6.41
N ASN A 142 -15.08 22.91 -7.71
CA ASN A 142 -15.15 23.98 -8.69
C ASN A 142 -13.98 24.94 -8.68
N GLN A 143 -12.77 24.41 -8.58
CA GLN A 143 -11.56 25.25 -8.54
C GLN A 143 -10.56 24.88 -9.65
N ASN A 144 -11.07 24.27 -10.71
CA ASN A 144 -10.27 23.95 -11.89
C ASN A 144 -9.15 22.95 -11.65
N PHE A 145 -9.29 22.11 -10.62
CA PHE A 145 -8.35 21.01 -10.46
C PHE A 145 -8.54 20.03 -11.63
N THR A 146 -7.45 19.40 -12.04
CA THR A 146 -7.49 18.42 -13.12
C THR A 146 -7.13 17.00 -12.67
N GLY A 147 -6.67 16.86 -11.43
CA GLY A 147 -6.24 15.56 -10.93
C GLY A 147 -6.16 15.57 -9.42
N LEU A 148 -6.12 14.37 -8.84
CA LEU A 148 -6.05 14.20 -7.40
C LEU A 148 -5.12 13.00 -7.11
N LEU A 149 -4.27 13.16 -6.10
CA LEU A 149 -3.41 12.11 -5.62
C LEU A 149 -3.79 11.82 -4.16
N VAL A 150 -4.03 10.56 -3.85
CA VAL A 150 -4.31 10.14 -2.48
C VAL A 150 -3.62 8.80 -2.19
N ASN A 151 -3.22 8.62 -0.93
CA ASN A 151 -2.73 7.37 -0.40
C ASN A 151 -3.84 6.79 0.44
N VAL A 152 -4.55 5.82 -0.11
CA VAL A 152 -5.83 5.41 0.42
C VAL A 152 -5.78 5.03 1.90
N ASP A 153 -4.76 4.25 2.28
CA ASP A 153 -4.30 4.15 3.67
C ASP A 153 -3.03 4.98 3.76
N GLU A 154 -3.11 6.08 4.51
CA GLU A 154 -1.91 6.88 4.83
C GLU A 154 -1.18 6.09 5.91
N THR A 155 -0.30 5.20 5.49
CA THR A 155 0.29 4.22 6.40
C THR A 155 1.04 4.82 7.58
N SER A 156 1.58 6.04 7.43
CA SER A 156 2.38 6.65 8.50
C SER A 156 1.52 6.90 9.73
N THR A 157 0.23 7.18 9.52
CA THR A 157 -0.72 7.48 10.60
C THR A 157 -1.89 6.49 10.72
N ALA A 158 -1.94 5.51 9.80
CA ALA A 158 -2.98 4.48 9.78
C ALA A 158 -4.37 5.10 9.61
N VAL A 159 -4.44 6.14 8.76
CA VAL A 159 -5.68 6.78 8.39
C VAL A 159 -6.17 6.28 7.01
N LEU A 160 -7.42 5.83 6.97
CA LEU A 160 -8.08 5.36 5.76
C LEU A 160 -8.98 6.47 5.20
N TYR A 161 -8.89 6.69 3.89
CA TYR A 161 -9.74 7.66 3.21
C TYR A 161 -10.86 6.99 2.45
N ASP A 162 -11.98 7.68 2.29
CA ASP A 162 -13.19 7.13 1.67
C ASP A 162 -13.11 7.33 0.15
N THR A 163 -12.78 6.27 -0.58
CA THR A 163 -12.57 6.38 -2.03
C THR A 163 -13.88 6.59 -2.83
N ILE A 166 -14.35 10.37 -2.40
CA ILE A 166 -13.37 11.11 -3.20
C ILE A 166 -13.65 10.93 -4.68
N GLY A 167 -14.00 9.70 -5.06
CA GLY A 167 -14.30 9.39 -6.48
C GLY A 167 -15.47 10.21 -7.04
N GLU A 168 -16.52 10.33 -6.25
CA GLU A 168 -17.69 11.15 -6.60
CA GLU A 168 -17.66 11.14 -6.69
C GLU A 168 -17.28 12.62 -6.83
N PHE A 169 -16.44 13.11 -5.92
CA PHE A 169 -15.91 14.48 -6.02
C PHE A 169 -15.10 14.65 -7.32
N CYS A 170 -14.24 13.68 -7.63
CA CYS A 170 -13.43 13.74 -8.82
C CYS A 170 -14.28 13.70 -10.08
N LYS A 171 -15.28 12.83 -10.08
CA LYS A 171 -16.17 12.70 -11.24
C LYS A 171 -16.91 14.01 -11.48
N LYS A 172 -17.47 14.60 -10.41
CA LYS A 172 -18.15 15.89 -10.48
CA LYS A 172 -18.14 15.90 -10.50
C LYS A 172 -17.24 16.93 -11.13
N ASN A 173 -15.97 16.90 -10.78
CA ASN A 173 -15.02 17.91 -11.22
C ASN A 173 -14.15 17.50 -12.41
N ASN A 174 -14.45 16.35 -13.00
CA ASN A 174 -13.66 15.80 -14.11
C ASN A 174 -12.16 15.75 -13.81
N PHE A 176 -8.72 13.59 -12.88
CA PHE A 176 -8.00 12.30 -13.02
C PHE A 176 -7.62 11.81 -11.61
N PHE A 177 -8.07 10.60 -11.24
CA PHE A 177 -8.11 10.13 -9.86
C PHE A 177 -7.05 9.03 -9.67
N VAL A 178 -5.96 9.38 -8.97
CA VAL A 178 -4.86 8.44 -8.69
C VAL A 178 -4.88 7.96 -7.23
N CYS A 179 -4.91 6.64 -7.06
CA CYS A 179 -4.90 6.00 -5.74
C CYS A 179 -3.61 5.18 -5.50
N ASP A 180 -2.84 5.57 -4.50
CA ASP A 180 -1.79 4.73 -3.93
C ASP A 180 -2.52 3.80 -2.96
N CYS A 181 -2.62 2.52 -3.32
CA CYS A 181 -3.19 1.50 -2.42
C CYS A 181 -2.11 0.51 -2.00
N VAL A 182 -0.92 1.04 -1.77
CA VAL A 182 0.19 0.19 -1.38
C VAL A 182 -0.11 -0.54 -0.08
N SER A 183 -0.69 0.14 0.92
CA SER A 183 -1.10 -0.55 2.14
C SER A 183 -2.61 -0.89 2.19
N ALA A 184 -3.42 -0.33 1.31
CA ALA A 184 -4.86 -0.56 1.33
C ALA A 184 -5.28 -1.79 0.52
N PHE A 185 -4.60 -2.03 -0.60
CA PHE A 185 -5.00 -3.12 -1.49
C PHE A 185 -4.94 -4.48 -0.78
N LEU A 186 -6.08 -5.17 -0.81
CA LEU A 186 -6.32 -6.47 -0.15
C LEU A 186 -6.47 -6.41 1.38
N ALA A 187 -6.32 -5.22 1.97
CA ALA A 187 -6.56 -5.02 3.41
C ALA A 187 -7.91 -4.33 3.67
N ASP A 188 -8.22 -3.31 2.88
CA ASP A 188 -9.46 -2.55 2.98
C ASP A 188 -10.28 -2.67 1.68
N PRO A 189 -11.61 -2.56 1.78
CA PRO A 189 -12.43 -2.61 0.56
C PRO A 189 -11.99 -1.54 -0.42
N PHE A 190 -11.85 -1.92 -1.69
CA PHE A 190 -11.46 -0.98 -2.73
C PHE A 190 -11.97 -1.55 -4.04
N ASN A 191 -12.75 -0.76 -4.75
CA ASN A 191 -13.40 -1.21 -5.99
C ASN A 191 -13.15 -0.14 -7.01
N ASN A 193 -13.66 0.13 -10.22
CA ASN A 193 -14.74 0.43 -11.13
C ASN A 193 -15.77 1.37 -10.44
N GLU A 194 -16.16 1.02 -9.23
CA GLU A 194 -17.20 1.74 -8.48
CA GLU A 194 -17.22 1.75 -8.55
C GLU A 194 -16.77 3.13 -8.04
N CYS A 195 -15.51 3.26 -7.58
CA CYS A 195 -15.05 4.56 -7.10
C CYS A 195 -14.52 5.44 -8.22
N GLY A 196 -14.32 4.89 -9.41
CA GLY A 196 -13.86 5.68 -10.55
C GLY A 196 -12.37 6.03 -10.54
N ALA A 197 -11.56 5.26 -9.79
CA ALA A 197 -10.12 5.47 -9.82
C ALA A 197 -9.57 5.16 -11.21
N ASP A 198 -8.72 6.06 -11.70
CA ASP A 198 -8.04 5.91 -12.97
C ASP A 198 -6.75 5.14 -12.88
N VAL A 199 -6.12 5.17 -11.70
CA VAL A 199 -4.83 4.50 -11.46
C VAL A 199 -4.85 3.94 -10.06
N ILE A 201 -1.91 2.01 -7.48
CA ILE A 201 -0.56 1.55 -7.28
C ILE A 201 -0.53 0.62 -6.09
N THR A 202 0.24 -0.47 -6.17
CA THR A 202 0.55 -1.25 -4.97
C THR A 202 1.97 -1.84 -5.01
N GLY A 203 2.38 -2.45 -3.90
CA GLY A 203 3.75 -2.97 -3.74
C GLY A 203 3.75 -4.43 -3.32
N SER A 204 4.82 -5.14 -3.68
CA SER A 204 4.90 -6.58 -3.42
C SER A 204 4.98 -6.95 -1.94
N GLN A 205 5.54 -6.09 -1.10
CA GLN A 205 5.93 -6.44 0.28
C GLN A 205 4.88 -6.08 1.31
N VAL A 207 0.34 -6.13 1.64
CA VAL A 207 -0.60 -7.20 1.84
C VAL A 207 -0.31 -8.46 1.00
N LEU A 208 0.28 -8.27 -0.19
CA LEU A 208 0.72 -9.39 -1.00
C LEU A 208 1.75 -10.24 -0.28
N ALA A 209 2.49 -9.64 0.66
CA ALA A 209 3.36 -10.39 1.56
C ALA A 209 4.41 -11.18 0.81
N CYS A 210 4.92 -10.62 -0.28
CA CYS A 210 6.04 -11.19 -1.01
C CYS A 210 7.26 -10.33 -0.70
N PRO A 211 8.43 -10.74 -1.17
CA PRO A 211 9.60 -9.91 -0.91
C PRO A 211 9.50 -8.56 -1.60
N PRO A 212 10.08 -7.52 -1.00
CA PRO A 212 10.13 -6.23 -1.68
C PRO A 212 10.96 -6.27 -2.95
N GLY A 213 10.57 -5.46 -3.92
CA GLY A 213 11.31 -5.28 -5.17
C GLY A 213 10.44 -5.21 -6.43
N ILE A 214 9.14 -5.49 -6.29
CA ILE A 214 8.17 -5.26 -7.35
C ILE A 214 7.09 -4.28 -6.88
N SER A 215 6.61 -3.50 -7.81
CA SER A 215 5.41 -2.72 -7.60
C SER A 215 4.51 -2.87 -8.83
N VAL A 216 3.26 -2.52 -8.66
CA VAL A 216 2.25 -2.77 -9.69
C VAL A 216 1.46 -1.49 -9.94
N ILE A 217 1.24 -1.17 -11.19
CA ILE A 217 0.38 -0.07 -11.57
C ILE A 217 -0.78 -0.63 -12.37
N VAL A 218 -1.99 -0.39 -11.89
CA VAL A 218 -3.20 -0.74 -12.60
C VAL A 218 -3.80 0.54 -13.19
N LEU A 219 -4.11 0.48 -14.48
CA LEU A 219 -4.66 1.60 -15.19
C LEU A 219 -6.05 1.24 -15.74
N ALA A 220 -7.05 2.03 -15.36
CA ALA A 220 -8.34 2.05 -16.03
C ALA A 220 -8.15 2.52 -17.47
N PRO A 221 -9.15 2.29 -18.33
CA PRO A 221 -9.02 2.79 -19.70
C PRO A 221 -8.61 4.26 -19.83
N ARG A 222 -9.15 5.14 -18.97
CA ARG A 222 -8.71 6.54 -18.97
C ARG A 222 -7.26 6.72 -18.59
N GLY A 223 -6.77 5.87 -17.70
CA GLY A 223 -5.36 5.84 -17.33
C GLY A 223 -4.47 5.38 -18.47
N VAL A 224 -4.89 4.32 -19.15
CA VAL A 224 -4.16 3.86 -20.33
C VAL A 224 -4.05 4.98 -21.36
N GLU A 225 -5.18 5.61 -21.65
CA GLU A 225 -5.24 6.72 -22.60
CA GLU A 225 -5.25 6.70 -22.61
C GLU A 225 -4.28 7.84 -22.21
N ARG A 226 -4.30 8.23 -20.94
CA ARG A 226 -3.42 9.29 -20.44
C ARG A 226 -1.94 8.93 -20.63
N VAL A 227 -1.57 7.71 -20.25
CA VAL A 227 -0.18 7.27 -20.42
C VAL A 227 0.24 7.28 -21.90
N GLU A 228 -0.65 6.81 -22.77
CA GLU A 228 -0.36 6.75 -24.21
C GLU A 228 -0.07 8.11 -24.82
N LYS A 229 -0.64 9.16 -24.23
CA LYS A 229 -0.43 10.53 -24.67
C LYS A 229 0.76 11.24 -24.02
N SER A 230 1.47 10.58 -23.10
CA SER A 230 2.58 11.23 -22.39
CA SER A 230 2.57 11.20 -22.38
C SER A 230 3.82 11.38 -23.24
N LYS A 231 4.56 12.45 -22.98
CA LYS A 231 5.86 12.66 -23.56
C LYS A 231 7.03 12.75 -22.58
C LYS A 231 6.64 12.76 -22.25
N VAL A 232 7.24 11.68 -21.83
CA VAL A 232 8.07 11.72 -20.63
CA VAL A 232 8.06 11.74 -20.63
C VAL A 232 9.53 11.57 -21.01
N ARG A 233 10.42 12.24 -20.30
CA ARG A 233 11.85 12.00 -20.54
C ARG A 233 12.38 11.05 -19.47
N THR A 234 12.19 9.78 -19.73
CA THR A 234 12.68 8.74 -18.85
C THR A 234 12.72 7.46 -19.66
N TYR A 236 13.49 4.20 -17.72
CA TYR A 236 13.08 3.14 -16.80
C TYR A 236 11.60 3.29 -16.41
N PHE A 237 11.14 4.53 -16.31
CA PHE A 237 9.76 4.80 -15.91
C PHE A 237 8.83 5.12 -17.05
N ASP A 238 9.20 4.70 -18.27
CA ASP A 238 8.36 4.97 -19.44
C ASP A 238 7.20 3.95 -19.44
N LEU A 239 6.01 4.38 -19.05
CA LEU A 239 4.89 3.43 -18.85
C LEU A 239 4.32 2.99 -20.20
N LYS A 240 4.54 3.77 -21.27
CA LYS A 240 4.15 3.33 -22.63
C LYS A 240 4.90 2.06 -22.99
N ASP A 241 6.21 2.06 -22.73
CA ASP A 241 7.07 0.91 -22.99
C ASP A 241 6.63 -0.26 -22.11
N ALA A 242 6.37 0.00 -20.82
CA ALA A 242 5.88 -1.05 -19.94
C ALA A 242 4.57 -1.67 -20.45
N LEU A 243 3.62 -0.84 -20.86
CA LEU A 243 2.36 -1.34 -21.43
C LEU A 243 2.57 -2.17 -22.71
N LYS A 244 3.40 -1.66 -23.62
CA LYS A 244 3.61 -2.34 -24.91
C LYS A 244 4.19 -3.73 -24.66
N ASN A 245 5.17 -3.84 -23.76
CA ASN A 245 5.75 -5.13 -23.45
C ASN A 245 4.80 -6.10 -22.76
N GLN A 246 3.97 -5.58 -21.85
CA GLN A 246 3.03 -6.43 -21.10
C GLN A 246 1.91 -7.02 -22.02
N GLU A 247 1.73 -6.42 -23.21
CA GLU A 247 0.80 -6.99 -24.21
C GLU A 247 1.16 -8.46 -24.47
N ARG A 248 2.44 -8.81 -24.44
CA ARG A 248 2.88 -10.20 -24.62
C ARG A 248 3.40 -10.84 -23.34
N GLY A 249 3.05 -10.27 -22.20
CA GLY A 249 3.49 -10.76 -20.90
C GLY A 249 4.98 -10.58 -20.59
N GLN A 250 5.56 -9.51 -21.10
CA GLN A 250 6.95 -9.23 -20.93
C GLN A 250 7.15 -7.82 -20.34
N THR A 251 8.42 -7.56 -20.01
CA THR A 251 8.87 -6.30 -19.49
C THR A 251 10.00 -5.76 -20.36
N PRO A 252 10.23 -4.44 -20.34
CA PRO A 252 11.28 -3.88 -21.20
C PRO A 252 12.69 -4.38 -20.85
N PHE A 253 12.96 -4.51 -19.55
CA PHE A 253 14.27 -4.91 -19.05
C PHE A 253 14.11 -6.16 -18.19
N THR A 254 15.19 -6.63 -17.59
CA THR A 254 15.07 -7.79 -16.74
C THR A 254 14.25 -7.44 -15.53
N PRO A 255 13.16 -8.17 -15.29
CA PRO A 255 12.39 -7.84 -14.08
C PRO A 255 12.80 -8.73 -12.89
N ALA A 256 12.20 -8.48 -11.72
CA ALA A 256 12.48 -9.33 -10.54
C ALA A 256 11.67 -10.61 -10.70
N VAL A 257 12.20 -11.47 -11.57
CA VAL A 257 11.53 -12.68 -12.00
C VAL A 257 11.08 -13.57 -10.83
N GLY A 258 11.97 -13.75 -9.86
CA GLY A 258 11.69 -14.59 -8.69
C GLY A 258 10.53 -14.05 -7.90
N ILE A 259 10.55 -12.73 -7.65
CA ILE A 259 9.43 -12.11 -6.94
C ILE A 259 8.12 -12.23 -7.73
N LEU A 260 8.19 -12.12 -9.05
CA LEU A 260 6.98 -12.25 -9.88
C LEU A 260 6.39 -13.67 -9.83
N LEU A 261 7.24 -14.69 -9.68
CA LEU A 261 6.76 -16.07 -9.49
C LEU A 261 6.14 -16.24 -8.11
N GLN A 262 6.73 -15.62 -7.11
CA GLN A 262 6.13 -15.62 -5.79
C GLN A 262 4.78 -14.92 -5.76
N ILE A 263 4.67 -13.79 -6.45
CA ILE A 263 3.43 -13.05 -6.58
C ILE A 263 2.37 -13.95 -7.23
N ASN A 264 2.75 -14.66 -8.28
CA ASN A 264 1.82 -15.59 -8.94
C ASN A 264 1.21 -16.61 -7.96
N GLU A 265 2.07 -17.23 -7.16
CA GLU A 265 1.64 -18.18 -6.15
C GLU A 265 0.70 -17.51 -5.15
N ARG A 266 1.07 -16.33 -4.69
CA ARG A 266 0.27 -15.60 -3.73
C ARG A 266 -1.09 -15.25 -4.29
N LEU A 267 -1.13 -14.82 -5.55
CA LEU A 267 -2.42 -14.49 -6.16
C LEU A 267 -3.32 -15.74 -6.25
N LYS A 268 -2.71 -16.89 -6.55
CA LYS A 268 -3.47 -18.14 -6.54
C LYS A 268 -3.92 -18.53 -5.11
N GLU A 269 -3.07 -18.28 -4.12
CA GLU A 269 -3.41 -18.56 -2.71
C GLU A 269 -4.61 -17.71 -2.30
N ILE A 270 -4.60 -16.43 -2.66
CA ILE A 270 -5.76 -15.55 -2.40
C ILE A 270 -7.03 -16.12 -3.03
N LYS A 271 -6.92 -16.59 -4.27
CA LYS A 271 -8.07 -17.11 -4.98
C LYS A 271 -8.60 -18.34 -4.23
N LYS A 272 -7.70 -19.21 -3.83
CA LYS A 272 -8.04 -20.45 -3.14
C LYS A 272 -8.83 -20.16 -1.85
N HIS A 273 -8.49 -19.09 -1.17
CA HIS A 273 -9.10 -18.78 0.12
C HIS A 273 -10.30 -17.85 0.04
N GLY A 274 -10.78 -17.56 -1.16
CA GLY A 274 -12.02 -16.79 -1.31
C GLY A 274 -11.88 -15.45 -2.00
N GLY A 275 -10.72 -15.16 -2.56
CA GLY A 275 -10.56 -13.93 -3.30
C GLY A 275 -10.29 -12.73 -2.43
N ALA A 276 -10.39 -11.56 -3.05
CA ALA A 276 -10.00 -10.30 -2.42
C ALA A 276 -10.85 -10.04 -1.18
N ASP A 277 -12.15 -10.30 -1.25
CA ASP A 277 -13.02 -9.96 -0.11
C ASP A 277 -12.67 -10.78 1.12
N ALA A 278 -12.28 -12.03 0.91
CA ALA A 278 -11.90 -12.90 2.01
C ALA A 278 -10.60 -12.42 2.69
N GLU A 279 -9.64 -11.91 1.92
CA GLU A 279 -8.40 -11.44 2.53
C GLU A 279 -8.69 -10.14 3.31
N VAL A 280 -9.48 -9.22 2.74
CA VAL A 280 -9.91 -8.02 3.46
C VAL A 280 -10.55 -8.42 4.81
N ALA A 281 -11.45 -9.39 4.76
CA ALA A 281 -12.15 -9.81 5.98
C ALA A 281 -11.18 -10.39 7.02
N ARG A 282 -10.20 -11.18 6.58
CA ARG A 282 -9.23 -11.77 7.48
C ARG A 282 -8.40 -10.67 8.16
N ILE A 283 -7.95 -9.70 7.38
CA ILE A 283 -7.12 -8.65 7.94
CA ILE A 283 -7.13 -8.60 7.89
C ILE A 283 -7.96 -7.76 8.88
N ALA A 284 -9.22 -7.47 8.52
CA ALA A 284 -10.12 -6.73 9.41
C ALA A 284 -10.20 -7.40 10.78
N SER A 285 -10.29 -8.73 10.78
CA SER A 285 -10.38 -9.52 12.02
CA SER A 285 -10.39 -9.49 12.03
C SER A 285 -9.07 -9.51 12.82
N GLN A 286 -7.95 -9.59 12.09
CA GLN A 286 -6.63 -9.48 12.70
C GLN A 286 -6.49 -8.12 13.44
N ALA A 287 -6.92 -7.05 12.77
CA ALA A 287 -6.85 -5.71 13.36
C ALA A 287 -7.76 -5.59 14.60
N ALA A 288 -8.99 -6.07 14.47
CA ALA A 288 -9.96 -6.03 15.56
C ALA A 288 -9.49 -6.82 16.78
N ASP A 289 -8.88 -7.96 16.53
CA ASP A 289 -8.32 -8.79 17.58
C ASP A 289 -7.22 -8.02 18.36
N PHE A 290 -6.30 -7.40 17.65
CA PHE A 290 -5.27 -6.62 18.33
C PHE A 290 -5.87 -5.49 19.15
N ARG A 291 -6.79 -4.74 18.56
CA ARG A 291 -7.34 -3.55 19.20
C ARG A 291 -8.13 -3.91 20.46
N ALA A 292 -8.83 -5.03 20.43
CA ALA A 292 -9.52 -5.57 21.61
C ALA A 292 -8.56 -5.94 22.75
N LYS A 293 -7.38 -6.42 22.42
CA LYS A 293 -6.46 -6.95 23.42
C LYS A 293 -5.62 -5.87 24.15
N ILE A 294 -5.60 -4.64 23.64
CA ILE A 294 -4.80 -3.57 24.27
C ILE A 294 -5.62 -2.57 25.08
N LYS A 295 -6.87 -2.88 25.35
CA LYS A 295 -7.76 -1.94 26.07
C LYS A 295 -7.28 -1.51 27.45
N ASP A 296 -6.56 -2.37 28.13
CA ASP A 296 -6.09 -2.02 29.47
C ASP A 296 -4.65 -1.52 29.55
N LEU A 297 -4.01 -1.28 28.40
CA LEU A 297 -2.64 -0.80 28.38
C LEU A 297 -2.63 0.72 28.13
N PRO A 298 -1.52 1.41 28.47
CA PRO A 298 -1.41 2.89 28.36
C PRO A 298 -1.14 3.36 26.93
N PHE A 299 -2.09 3.05 26.06
CA PHE A 299 -1.97 3.26 24.63
C PHE A 299 -3.24 3.97 24.14
N GLU A 300 -3.07 5.01 23.36
CA GLU A 300 -4.18 5.69 22.72
C GLU A 300 -4.10 5.44 21.24
N LEU A 301 -5.24 5.09 20.64
CA LEU A 301 -5.30 4.92 19.18
C LEU A 301 -5.28 6.32 18.56
N VAL A 302 -4.45 6.51 17.56
CA VAL A 302 -4.26 7.81 16.92
C VAL A 302 -5.26 8.08 15.76
N SER A 303 -5.57 7.06 14.98
CA SER A 303 -6.34 7.27 13.77
C SER A 303 -7.83 7.54 14.03
N GLU A 304 -8.34 8.61 13.42
CA GLU A 304 -9.76 8.88 13.45
C GLU A 304 -10.51 8.13 12.38
N SER A 305 -9.79 7.43 11.50
CA SER A 305 -10.44 6.67 10.41
C SER A 305 -9.65 5.39 10.24
N PRO A 306 -9.98 4.37 11.03
CA PRO A 306 -9.13 3.18 11.07
C PRO A 306 -9.06 2.43 9.75
N ALA A 307 -7.88 1.91 9.49
CA ALA A 307 -7.59 1.07 8.33
C ALA A 307 -7.37 -0.33 8.86
N ASN A 308 -7.76 -1.35 8.10
CA ASN A 308 -7.56 -2.71 8.55
C ASN A 308 -6.09 -3.12 8.64
N GLY A 309 -5.27 -2.55 7.77
CA GLY A 309 -3.90 -3.02 7.59
C GLY A 309 -2.95 -2.68 8.73
N VAL A 310 -3.26 -1.66 9.50
CA VAL A 310 -2.30 -1.17 10.47
C VAL A 310 -3.01 -0.30 11.51
N THR A 311 -2.51 -0.34 12.74
CA THR A 311 -3.03 0.51 13.81
C THR A 311 -1.92 1.39 14.33
N SER A 312 -2.18 2.70 14.41
CA SER A 312 -1.22 3.64 14.97
C SER A 312 -1.56 3.87 16.45
N VAL A 313 -0.51 3.87 17.26
CA VAL A 313 -0.64 3.91 18.71
C VAL A 313 0.24 5.02 19.27
N HIS A 314 -0.33 5.81 20.21
CA HIS A 314 0.42 6.73 21.01
C HIS A 314 0.58 6.17 22.44
N PRO A 315 1.80 5.82 22.86
CA PRO A 315 2.03 5.40 24.26
C PRO A 315 1.98 6.62 25.16
N THR A 316 1.16 6.58 26.19
CA THR A 316 1.02 7.76 27.05
C THR A 316 2.06 7.82 28.16
N THR A 317 2.87 6.77 28.31
CA THR A 317 3.84 6.71 29.41
C THR A 317 5.28 6.51 28.95
N ALA A 318 5.51 6.34 27.65
CA ALA A 318 6.81 5.89 27.20
C ALA A 318 7.09 6.47 25.81
N ASN A 319 8.36 6.43 25.41
CA ASN A 319 8.82 6.85 24.10
C ASN A 319 8.56 5.69 23.12
N ALA A 320 7.87 5.98 22.02
CA ALA A 320 7.47 4.94 21.05
C ALA A 320 8.66 4.21 20.47
N TYR A 321 9.74 4.95 20.16
CA TYR A 321 10.91 4.31 19.54
C TYR A 321 11.63 3.40 20.54
N ASP A 322 11.62 3.77 21.82
CA ASP A 322 12.16 2.92 22.89
CA ASP A 322 12.19 2.92 22.82
C ASP A 322 11.45 1.57 22.91
N ILE A 323 10.14 1.60 22.74
CA ILE A 323 9.34 0.37 22.75
C ILE A 323 9.73 -0.51 21.54
N PHE A 324 9.86 0.12 20.36
CA PHE A 324 10.38 -0.58 19.18
C PHE A 324 11.69 -1.29 19.47
N LEU A 325 12.65 -0.54 20.00
CA LEU A 325 13.97 -1.13 20.24
C LEU A 325 13.94 -2.27 21.26
N LYS A 326 13.21 -2.10 22.34
CA LYS A 326 13.14 -3.15 23.36
CA LYS A 326 13.15 -3.16 23.37
C LYS A 326 12.47 -4.42 22.84
N LEU A 327 11.38 -4.26 22.10
CA LEU A 327 10.70 -5.44 21.55
C LEU A 327 11.65 -6.18 20.57
N LYS A 328 12.37 -5.42 19.77
CA LYS A 328 13.27 -6.00 18.77
C LYS A 328 14.41 -6.76 19.41
N ASP A 329 15.01 -6.17 20.43
CA ASP A 329 16.22 -6.73 21.02
C ASP A 329 15.97 -7.71 22.15
N GLU A 330 14.80 -7.66 22.79
CA GLU A 330 14.55 -8.53 23.94
C GLU A 330 13.33 -9.44 23.86
N TYR A 331 12.44 -9.22 22.89
CA TYR A 331 11.20 -9.99 22.81
C TYR A 331 10.99 -10.69 21.44
N GLY A 332 11.95 -10.58 20.54
CA GLY A 332 11.81 -11.29 19.26
C GLY A 332 10.72 -10.75 18.37
N ILE A 333 10.46 -9.45 18.47
CA ILE A 333 9.33 -8.80 17.79
C ILE A 333 9.73 -7.51 17.12
N TRP A 334 9.36 -7.34 15.83
CA TRP A 334 9.39 -6.05 15.19
C TRP A 334 8.00 -5.46 15.12
N ILE A 335 7.82 -4.30 15.74
CA ILE A 335 6.72 -3.38 15.43
C ILE A 335 7.26 -2.30 14.47
N CYS A 336 6.37 -1.45 13.97
CA CYS A 336 6.75 -0.48 12.98
C CYS A 336 7.01 0.89 13.67
N PRO A 337 8.28 1.35 13.73
CA PRO A 337 8.52 2.67 14.30
C PRO A 337 8.08 3.81 13.35
N ASN A 338 8.01 5.01 13.90
CA ASN A 338 7.78 6.19 13.08
C ASN A 338 9.03 7.05 13.07
N GLY A 339 9.02 8.02 12.18
CA GLY A 339 10.11 8.96 11.98
C GLY A 339 9.68 10.41 12.15
N GLY A 340 10.65 11.31 12.02
CA GLY A 340 10.39 12.75 12.09
C GLY A 340 9.76 13.20 13.37
N GLU A 341 8.71 14.01 13.25
CA GLU A 341 8.01 14.55 14.39
C GLU A 341 7.19 13.49 15.11
N LYS A 343 8.44 10.24 15.74
CA LYS A 343 9.34 9.19 16.22
C LYS A 343 9.13 8.86 17.71
N ASP A 344 8.98 9.90 18.51
CA ASP A 344 8.89 9.70 19.95
C ASP A 344 7.47 9.35 20.40
N THR A 345 6.45 9.68 19.59
CA THR A 345 5.06 9.67 20.03
C THR A 345 4.13 8.63 19.40
N ILE A 346 4.52 8.03 18.28
CA ILE A 346 3.70 7.07 17.56
C ILE A 346 4.53 5.85 17.19
N PHE A 347 3.96 4.66 17.43
CA PHE A 347 4.41 3.48 16.73
C PHE A 347 3.21 2.82 16.06
N ARG A 348 3.49 1.87 15.19
CA ARG A 348 2.40 1.16 14.51
C ARG A 348 2.53 -0.35 14.64
N VAL A 349 1.38 -0.98 14.63
CA VAL A 349 1.30 -2.45 14.66
C VAL A 349 0.54 -2.88 13.40
N GLY A 350 1.23 -3.62 12.56
CA GLY A 350 0.66 -4.15 11.34
C GLY A 350 -0.22 -5.35 11.59
N HIS A 351 -1.17 -5.55 10.67
CA HIS A 351 -2.12 -6.66 10.70
C HIS A 351 -2.08 -7.47 9.42
N ILE A 352 -0.99 -7.34 8.69
CA ILE A 352 -0.86 -7.95 7.38
C ILE A 352 0.26 -8.99 7.34
N GLY A 353 0.28 -9.80 6.28
CA GLY A 353 1.16 -10.94 6.19
C GLY A 353 0.66 -12.11 7.00
N ALA A 354 1.53 -13.09 7.18
CA ALA A 354 1.13 -14.41 7.71
C ALA A 354 1.09 -14.41 9.24
N LEU A 355 0.22 -13.57 9.80
CA LEU A 355 0.04 -13.45 11.24
C LEU A 355 -1.27 -14.12 11.66
N THR A 356 -1.36 -14.45 12.94
CA THR A 356 -2.55 -15.05 13.51
C THR A 356 -3.00 -14.24 14.72
N HIS A 357 -4.20 -14.51 15.22
CA HIS A 357 -4.66 -13.85 16.46
C HIS A 357 -3.76 -14.20 17.66
N GLU A 358 -3.18 -15.40 17.65
CA GLU A 358 -2.29 -15.80 18.73
CA GLU A 358 -2.31 -15.83 18.69
C GLU A 358 -1.02 -14.95 18.73
N ASP A 359 -0.55 -14.54 17.55
CA ASP A 359 0.60 -13.63 17.44
C ASP A 359 0.29 -12.30 18.16
N ASN A 360 -0.93 -11.82 18.03
CA ASN A 360 -1.36 -10.64 18.77
C ASN A 360 -1.24 -10.85 20.28
N THR A 361 -1.60 -12.05 20.74
CA THR A 361 -1.46 -12.37 22.15
C THR A 361 0.02 -12.32 22.60
N THR A 362 0.90 -12.86 21.77
CA THR A 362 2.34 -12.82 22.05
C THR A 362 2.83 -11.37 22.20
N LEU A 363 2.39 -10.50 21.28
CA LEU A 363 2.80 -9.08 21.32
C LEU A 363 2.27 -8.41 22.59
N VAL A 364 1.00 -8.62 22.91
CA VAL A 364 0.41 -7.99 24.08
C VAL A 364 1.05 -8.47 25.36
N ASN A 365 1.41 -9.75 25.39
CA ASN A 365 2.15 -10.29 26.51
C ASN A 365 3.50 -9.59 26.68
N ALA A 366 4.16 -9.27 25.57
CA ALA A 366 5.41 -8.51 25.61
C ALA A 366 5.16 -7.08 26.16
N PHE A 367 4.10 -6.42 25.69
CA PHE A 367 3.72 -5.13 26.27
C PHE A 367 3.49 -5.24 27.77
N LYS A 368 2.75 -6.25 28.22
CA LYS A 368 2.51 -6.45 29.64
C LYS A 368 3.79 -6.67 30.44
N ASP A 369 4.77 -7.35 29.83
CA ASP A 369 6.03 -7.57 30.51
C ASP A 369 6.83 -6.24 30.60
N LEU A 370 6.81 -5.44 29.55
CA LEU A 370 7.40 -4.09 29.60
C LEU A 370 6.75 -3.27 30.71
N GLN A 371 5.45 -3.42 30.89
CA GLN A 371 4.78 -2.74 31.97
C GLN A 371 5.28 -3.23 33.37
N LYS A 372 5.48 -4.52 33.52
CA LYS A 372 5.98 -5.05 34.76
C LYS A 372 7.37 -4.50 35.09
N ARG A 373 8.17 -4.28 34.05
CA ARG A 373 9.53 -3.74 34.18
C ARG A 373 9.54 -2.22 34.42
N ASN A 374 8.36 -1.61 34.31
CA ASN A 374 8.15 -0.17 34.47
C ASN A 374 8.59 0.65 33.28
N LEU A 375 8.79 0.01 32.13
CA LEU A 375 9.16 0.73 30.90
C LEU A 375 7.96 1.50 30.34
N LEU A 376 6.78 0.97 30.55
CA LEU A 376 5.57 1.65 30.17
C LEU A 376 4.51 1.43 31.25
#